data_1TY2
#
_entry.id   1TY2
#
_cell.length_a   167.330
_cell.length_b   46.330
_cell.length_c   72.220
_cell.angle_alpha   90.00
_cell.angle_beta   90.54
_cell.angle_gamma   90.00
#
_symmetry.space_group_name_H-M   'C 1 2 1'
#
loop_
_entity.id
_entity.type
_entity.pdbx_description
1 polymer 'putative exotoxin (superantigen)'
2 non-polymer 'ZINC ION'
3 water water
#
_entity_poly.entity_id   1
_entity_poly.type   'polypeptide(L)'
_entity_poly.pdbx_seq_one_letter_code
;KSDSENIKDVKLQLNYAYEIIPVDYTNCNIDYLTTHDFYIDISSYKKKNFSVDSEVESYITTKFTKNQKVNIFGLPYIFT
RYDVYYIYGGVTPSVNSNSENSKIVGNLLIDGVQQKTLINPIKIDKPIFTIQEFDFKIRQYLMQTYKIYDPNSPYIKGQL
EIAINGNKHESFNLYDATSSSTRSDIFKKYKDNKTINMKDFSHFDIYLWTK
;
_entity_poly.pdbx_strand_id   A,B,C
#
loop_
_chem_comp.id
_chem_comp.type
_chem_comp.name
_chem_comp.formula
ZN non-polymer 'ZINC ION' 'Zn 2'
#
# COMPACT_ATOMS: atom_id res chain seq x y z
N LYS A 1 30.21 -9.75 -11.51
CA LYS A 1 30.99 -9.59 -10.25
C LYS A 1 30.15 -9.99 -9.03
N SER A 2 28.91 -9.53 -9.00
CA SER A 2 28.01 -9.84 -7.88
C SER A 2 26.84 -10.71 -8.31
N ASP A 3 26.08 -11.19 -7.34
CA ASP A 3 24.92 -12.04 -7.60
C ASP A 3 23.71 -11.53 -6.82
N SER A 4 23.96 -10.76 -5.77
CA SER A 4 22.89 -10.21 -4.95
C SER A 4 22.80 -8.69 -5.12
N GLU A 5 23.49 -8.17 -6.14
CA GLU A 5 23.51 -6.75 -6.42
C GLU A 5 22.13 -6.19 -6.78
N ASN A 6 21.25 -7.05 -7.28
CA ASN A 6 19.92 -6.60 -7.65
C ASN A 6 19.06 -6.31 -6.44
N ILE A 7 19.01 -7.24 -5.49
CA ILE A 7 18.20 -7.04 -4.29
C ILE A 7 18.68 -5.81 -3.54
N LYS A 8 19.94 -5.44 -3.72
CA LYS A 8 20.48 -4.25 -3.05
C LYS A 8 19.91 -2.98 -3.68
N ASP A 9 19.83 -2.98 -5.01
CA ASP A 9 19.30 -1.82 -5.72
C ASP A 9 17.80 -1.70 -5.49
N VAL A 10 17.13 -2.85 -5.40
CA VAL A 10 15.69 -2.88 -5.17
C VAL A 10 15.42 -2.31 -3.78
N LYS A 11 16.22 -2.73 -2.80
CA LYS A 11 16.05 -2.23 -1.44
C LYS A 11 16.30 -0.74 -1.36
N LEU A 12 17.25 -0.25 -2.16
CA LEU A 12 17.56 1.18 -2.17
C LEU A 12 16.39 2.00 -2.67
N GLN A 13 15.73 1.52 -3.72
CA GLN A 13 14.59 2.23 -4.29
C GLN A 13 13.45 2.28 -3.29
N LEU A 14 13.28 1.19 -2.54
CA LEU A 14 12.21 1.14 -1.56
C LEU A 14 12.51 2.02 -0.36
N ASN A 15 13.78 2.06 0.03
CA ASN A 15 14.18 2.86 1.18
C ASN A 15 13.92 4.33 0.86
N TYR A 16 14.33 4.75 -0.33
CA TYR A 16 14.11 6.12 -0.75
C TYR A 16 12.61 6.42 -0.89
N ALA A 17 11.90 5.51 -1.54
CA ALA A 17 10.47 5.71 -1.78
C ALA A 17 9.69 5.99 -0.52
N TYR A 18 9.91 5.18 0.51
CA TYR A 18 9.19 5.29 1.77
C TYR A 18 9.72 6.24 2.85
N GLU A 19 10.84 6.92 2.60
CA GLU A 19 11.34 7.89 3.58
C GLU A 19 10.69 9.20 3.09
N ILE A 20 9.42 9.38 3.44
CA ILE A 20 8.68 10.53 3.00
C ILE A 20 7.64 10.98 4.02
N ILE A 21 7.24 12.25 3.94
CA ILE A 21 6.23 12.79 4.83
C ILE A 21 4.90 12.59 4.09
N PRO A 22 3.94 11.93 4.73
CA PRO A 22 2.64 11.69 4.11
C PRO A 22 1.69 12.89 4.11
N VAL A 23 0.65 12.77 3.30
CA VAL A 23 -0.40 13.78 3.19
C VAL A 23 -1.42 13.24 4.19
N ASP A 24 -1.59 13.95 5.30
CA ASP A 24 -2.46 13.50 6.37
C ASP A 24 -3.42 14.61 6.80
N TYR A 25 -4.69 14.47 6.43
CA TYR A 25 -5.69 15.48 6.77
C TYR A 25 -7.02 14.80 7.09
N THR A 26 -7.71 15.28 8.11
CA THR A 26 -8.98 14.68 8.48
C THR A 26 -10.18 15.60 8.31
N ASN A 27 -11.34 14.97 8.10
CA ASN A 27 -12.60 15.69 7.93
C ASN A 27 -12.54 16.75 6.83
N CYS A 28 -12.27 16.30 5.61
CA CYS A 28 -12.17 17.19 4.47
C CYS A 28 -13.34 16.92 3.55
N ASN A 29 -13.75 17.94 2.81
CA ASN A 29 -14.89 17.82 1.93
C ASN A 29 -14.54 17.41 0.50
N ILE A 30 -15.29 16.45 -0.01
CA ILE A 30 -15.12 15.97 -1.37
C ILE A 30 -15.79 17.01 -2.25
N ASP A 31 -14.99 17.87 -2.88
CA ASP A 31 -15.57 18.91 -3.74
C ASP A 31 -16.07 18.36 -5.07
N TYR A 32 -15.38 17.35 -5.61
CA TYR A 32 -15.80 16.77 -6.88
C TYR A 32 -15.31 15.34 -7.04
N LEU A 33 -16.09 14.54 -7.77
CA LEU A 33 -15.76 13.14 -8.05
C LEU A 33 -15.85 12.88 -9.54
N THR A 34 -14.84 12.19 -10.08
CA THR A 34 -14.84 11.81 -11.50
C THR A 34 -14.82 10.29 -11.49
N THR A 35 -14.61 9.69 -12.65
CA THR A 35 -14.58 8.23 -12.71
C THR A 35 -13.32 7.64 -12.08
N HIS A 36 -12.28 8.46 -11.92
CA HIS A 36 -11.01 7.98 -11.39
C HIS A 36 -10.25 8.91 -10.44
N ASP A 37 -10.82 10.06 -10.07
CA ASP A 37 -10.13 10.99 -9.17
C ASP A 37 -11.10 11.57 -8.11
N PHE A 38 -10.53 11.92 -6.95
CA PHE A 38 -11.25 12.57 -5.86
C PHE A 38 -10.59 13.95 -5.85
N TYR A 39 -11.37 15.02 -5.70
CA TYR A 39 -10.81 16.36 -5.60
C TYR A 39 -11.29 16.79 -4.22
N ILE A 40 -10.38 16.79 -3.26
CA ILE A 40 -10.71 17.09 -1.88
C ILE A 40 -10.12 18.41 -1.42
N ASP A 41 -10.95 19.21 -0.76
CA ASP A 41 -10.51 20.49 -0.27
C ASP A 41 -9.81 20.45 1.08
N ILE A 42 -8.65 21.09 1.16
CA ILE A 42 -7.93 21.17 2.42
C ILE A 42 -7.51 22.62 2.65
N SER A 43 -8.20 23.53 1.96
CA SER A 43 -7.90 24.96 2.04
C SER A 43 -7.91 25.54 3.44
N SER A 44 -8.84 25.08 4.27
CA SER A 44 -8.92 25.60 5.64
C SER A 44 -7.64 25.31 6.43
N TYR A 45 -6.97 24.21 6.09
CA TYR A 45 -5.73 23.82 6.76
C TYR A 45 -4.57 24.69 6.27
N LYS A 46 -4.51 24.86 4.96
CA LYS A 46 -3.47 25.64 4.29
C LYS A 46 -3.70 27.14 4.35
N LYS A 47 -4.91 27.52 4.72
CA LYS A 47 -5.29 28.92 4.80
C LYS A 47 -5.09 29.59 3.45
N LYS A 48 -5.35 28.82 2.40
CA LYS A 48 -5.28 29.28 1.02
C LYS A 48 -5.90 28.18 0.14
N ASN A 49 -6.30 28.54 -1.07
CA ASN A 49 -6.88 27.55 -1.98
C ASN A 49 -5.90 26.40 -2.14
N PHE A 50 -6.30 25.22 -1.70
CA PHE A 50 -5.42 24.06 -1.79
C PHE A 50 -6.24 22.78 -1.81
N SER A 51 -5.83 21.82 -2.62
CA SER A 51 -6.59 20.59 -2.69
C SER A 51 -5.75 19.33 -2.83
N VAL A 52 -6.43 18.19 -2.69
CA VAL A 52 -5.78 16.91 -2.84
C VAL A 52 -6.45 16.20 -4.00
N ASP A 53 -5.63 15.72 -4.92
CA ASP A 53 -6.11 14.98 -6.07
C ASP A 53 -5.73 13.51 -5.85
N SER A 54 -6.72 12.69 -5.50
CA SER A 54 -6.47 11.28 -5.25
C SER A 54 -6.95 10.44 -6.43
N GLU A 55 -6.01 9.79 -7.11
CA GLU A 55 -6.36 8.97 -8.25
C GLU A 55 -6.59 7.55 -7.76
N VAL A 56 -7.65 6.93 -8.25
CA VAL A 56 -7.98 5.57 -7.83
C VAL A 56 -8.43 4.70 -9.00
N GLU A 57 -8.62 3.41 -8.72
CA GLU A 57 -9.08 2.46 -9.72
C GLU A 57 -10.56 2.67 -9.95
N SER A 58 -11.10 2.04 -10.99
CA SER A 58 -12.52 2.16 -11.31
C SER A 58 -13.38 1.62 -10.19
N TYR A 59 -14.65 2.03 -10.18
CA TYR A 59 -15.62 1.56 -9.19
C TYR A 59 -15.30 1.94 -7.75
N ILE A 60 -14.41 2.91 -7.56
CA ILE A 60 -14.08 3.32 -6.20
C ILE A 60 -14.82 4.61 -5.85
N THR A 61 -14.82 5.58 -6.76
CA THR A 61 -15.48 6.86 -6.49
C THR A 61 -17.00 6.71 -6.42
N THR A 62 -17.53 5.68 -7.05
CA THR A 62 -18.97 5.46 -7.02
C THR A 62 -19.41 5.08 -5.60
N LYS A 63 -18.44 4.84 -4.73
CA LYS A 63 -18.71 4.48 -3.34
C LYS A 63 -18.89 5.73 -2.46
N PHE A 64 -18.52 6.88 -3.01
CA PHE A 64 -18.62 8.15 -2.29
C PHE A 64 -19.52 9.12 -3.02
N THR A 65 -19.81 10.25 -2.38
CA THR A 65 -20.66 11.28 -2.98
C THR A 65 -20.07 12.65 -2.73
N LYS A 66 -20.29 13.59 -3.64
CA LYS A 66 -19.78 14.95 -3.46
C LYS A 66 -20.26 15.52 -2.13
N ASN A 67 -19.40 16.34 -1.52
CA ASN A 67 -19.69 16.99 -0.25
C ASN A 67 -19.69 16.05 0.95
N GLN A 68 -19.26 14.81 0.74
CA GLN A 68 -19.15 13.85 1.82
C GLN A 68 -17.83 14.22 2.50
N LYS A 69 -17.73 13.99 3.82
CA LYS A 69 -16.50 14.29 4.55
C LYS A 69 -15.62 13.05 4.58
N VAL A 70 -14.33 13.22 4.31
CA VAL A 70 -13.40 12.11 4.29
C VAL A 70 -12.09 12.47 4.98
N ASN A 71 -11.31 11.44 5.30
CA ASN A 71 -10.00 11.64 5.88
C ASN A 71 -9.02 11.24 4.82
N ILE A 72 -7.84 11.84 4.86
CA ILE A 72 -6.82 11.56 3.86
C ILE A 72 -5.50 11.11 4.46
N PHE A 73 -4.98 10.01 3.93
CA PHE A 73 -3.66 9.54 4.32
C PHE A 73 -3.09 8.87 3.09
N GLY A 74 -2.22 9.60 2.39
CA GLY A 74 -1.62 9.09 1.18
C GLY A 74 -0.21 9.59 1.00
N LEU A 75 0.57 8.83 0.25
CA LEU A 75 1.95 9.22 0.01
C LEU A 75 2.02 9.93 -1.33
N PRO A 76 2.51 11.17 -1.34
CA PRO A 76 2.60 11.93 -2.61
C PRO A 76 3.54 11.24 -3.59
N TYR A 77 3.12 11.13 -4.85
CA TYR A 77 3.96 10.46 -5.85
C TYR A 77 4.62 11.43 -6.82
N ILE A 78 4.18 12.68 -6.82
CA ILE A 78 4.76 13.67 -7.71
C ILE A 78 4.44 15.07 -7.20
N PHE A 79 5.32 16.04 -7.51
CA PHE A 79 5.08 17.42 -7.08
C PHE A 79 5.00 18.30 -8.32
N THR A 80 4.18 19.34 -8.25
CA THR A 80 4.01 20.27 -9.36
C THR A 80 4.02 21.67 -8.80
N ARG A 81 3.92 22.65 -9.69
CA ARG A 81 3.92 24.06 -9.30
C ARG A 81 2.58 24.47 -8.68
N TYR A 82 1.56 23.62 -8.86
CA TYR A 82 0.22 23.91 -8.35
C TYR A 82 0.03 23.55 -6.88
N ASP A 83 -0.90 24.23 -6.22
CA ASP A 83 -1.21 23.97 -4.82
C ASP A 83 -2.18 22.80 -4.75
N VAL A 84 -1.64 21.64 -5.08
CA VAL A 84 -2.40 20.41 -5.10
C VAL A 84 -1.44 19.29 -4.72
N TYR A 85 -1.91 18.36 -3.88
CA TYR A 85 -1.13 17.21 -3.49
C TYR A 85 -1.67 16.09 -4.37
N TYR A 86 -0.78 15.29 -4.92
CA TYR A 86 -1.15 14.19 -5.81
C TYR A 86 -0.84 12.86 -5.12
N ILE A 87 -1.88 12.09 -4.85
CA ILE A 87 -1.74 10.79 -4.19
C ILE A 87 -2.60 9.71 -4.83
N TYR A 88 -2.33 8.45 -4.49
CA TYR A 88 -3.11 7.33 -5.00
C TYR A 88 -3.95 6.83 -3.82
N GLY A 89 -5.25 6.70 -4.00
CA GLY A 89 -6.10 6.24 -2.91
C GLY A 89 -5.97 7.09 -1.65
N GLY A 90 -5.94 6.42 -0.50
CA GLY A 90 -5.79 7.10 0.77
C GLY A 90 -7.04 7.79 1.31
N VAL A 91 -8.19 7.49 0.72
CA VAL A 91 -9.42 8.16 1.12
C VAL A 91 -10.39 7.28 1.88
N THR A 92 -10.78 7.70 3.07
CA THR A 92 -11.72 6.96 3.90
C THR A 92 -12.86 7.87 4.38
N PRO A 93 -14.05 7.29 4.62
CA PRO A 93 -15.17 8.08 5.09
C PRO A 93 -14.83 8.64 6.48
N SER A 94 -15.11 9.91 6.71
CA SER A 94 -14.83 10.52 7.99
C SER A 94 -16.10 10.36 8.83
N VAL A 95 -16.06 9.46 9.80
CA VAL A 95 -17.21 9.21 10.66
C VAL A 95 -17.23 10.00 11.96
N ASN A 96 -16.81 9.36 13.06
CA ASN A 96 -16.79 10.02 14.36
C ASN A 96 -15.70 11.07 14.48
N SER A 97 -15.23 11.30 15.71
CA SER A 97 -14.19 12.30 15.97
C SER A 97 -12.82 11.76 15.52
N ASN A 98 -12.84 10.78 14.62
CA ASN A 98 -11.62 10.17 14.08
C ASN A 98 -10.49 10.16 15.10
N SER A 99 -10.83 9.81 16.34
CA SER A 99 -9.84 9.76 17.41
C SER A 99 -9.97 8.48 18.23
N GLU A 100 -9.66 7.35 17.61
CA GLU A 100 -9.75 6.06 18.28
C GLU A 100 -8.38 5.63 18.78
N ASN A 101 -8.35 5.07 19.99
CA ASN A 101 -7.10 4.61 20.58
C ASN A 101 -7.13 3.09 20.75
N SER A 102 -7.24 2.39 19.62
CA SER A 102 -7.28 0.94 19.64
C SER A 102 -5.85 0.39 19.65
N LYS A 103 -5.70 -0.85 20.12
CA LYS A 103 -4.39 -1.49 20.23
C LYS A 103 -4.06 -2.33 19.00
N ILE A 104 -2.93 -2.05 18.36
CA ILE A 104 -2.51 -2.80 17.18
C ILE A 104 -1.46 -3.84 17.59
N VAL A 105 -1.80 -5.10 17.38
CA VAL A 105 -0.91 -6.20 17.73
C VAL A 105 -0.53 -7.04 16.51
N GLY A 106 0.73 -7.43 16.45
CA GLY A 106 1.18 -8.23 15.34
C GLY A 106 2.29 -9.21 15.70
N ASN A 107 2.51 -10.18 14.82
CA ASN A 107 3.56 -11.19 15.02
C ASN A 107 4.69 -10.94 14.02
N LEU A 108 5.92 -10.90 14.53
CA LEU A 108 7.07 -10.69 13.67
C LEU A 108 7.83 -12.01 13.51
N LEU A 109 7.80 -12.58 12.31
CA LEU A 109 8.49 -13.83 12.05
C LEU A 109 9.64 -13.64 11.06
N ILE A 110 10.76 -14.29 11.34
CA ILE A 110 11.95 -14.23 10.48
C ILE A 110 12.37 -15.65 10.18
N ASP A 111 12.36 -16.01 8.90
CA ASP A 111 12.70 -17.36 8.48
C ASP A 111 11.77 -18.37 9.14
N GLY A 112 10.48 -18.05 9.13
CA GLY A 112 9.48 -18.93 9.69
C GLY A 112 9.40 -19.06 11.19
N VAL A 113 10.23 -18.32 11.93
CA VAL A 113 10.20 -18.43 13.38
C VAL A 113 9.82 -17.11 14.06
N GLN A 114 8.76 -17.14 14.85
CA GLN A 114 8.32 -15.93 15.55
C GLN A 114 9.46 -15.40 16.40
N GLN A 115 9.75 -14.11 16.25
CA GLN A 115 10.83 -13.48 16.99
C GLN A 115 10.24 -12.62 18.10
N LYS A 116 9.04 -12.09 17.85
CA LYS A 116 8.41 -11.22 18.82
C LYS A 116 6.96 -10.90 18.50
N THR A 117 6.24 -10.40 19.50
CA THR A 117 4.86 -9.98 19.34
C THR A 117 4.96 -8.47 19.53
N LEU A 118 4.64 -7.74 18.47
CA LEU A 118 4.72 -6.28 18.51
C LEU A 118 3.45 -5.66 19.07
N ILE A 119 3.61 -4.82 20.08
CA ILE A 119 2.49 -4.13 20.72
C ILE A 119 2.50 -2.66 20.32
N ASN A 120 1.48 -2.26 19.57
CA ASN A 120 1.36 -0.88 19.12
C ASN A 120 2.66 -0.32 18.54
N PRO A 121 3.27 -1.05 17.60
CA PRO A 121 4.51 -0.55 16.99
C PRO A 121 4.16 0.70 16.17
N ILE A 122 2.87 0.81 15.85
CA ILE A 122 2.35 1.94 15.08
C ILE A 122 0.98 2.30 15.65
N LYS A 123 0.57 3.54 15.45
CA LYS A 123 -0.72 3.98 15.94
C LYS A 123 -1.58 4.54 14.82
N ILE A 124 -2.87 4.19 14.86
CA ILE A 124 -3.84 4.66 13.88
C ILE A 124 -5.07 5.16 14.65
N ASP A 125 -5.39 6.44 14.46
CA ASP A 125 -6.53 7.06 15.12
C ASP A 125 -7.88 6.66 14.54
N LYS A 126 -8.06 6.94 13.26
CA LYS A 126 -9.31 6.64 12.58
C LYS A 126 -9.85 5.22 12.74
N PRO A 127 -11.18 5.09 12.84
CA PRO A 127 -11.85 3.79 13.00
C PRO A 127 -11.90 3.04 11.68
N ILE A 128 -11.73 3.78 10.59
CA ILE A 128 -11.73 3.21 9.24
C ILE A 128 -10.44 3.74 8.62
N PHE A 129 -9.57 2.84 8.15
CA PHE A 129 -8.30 3.29 7.58
C PHE A 129 -7.90 2.50 6.34
N THR A 130 -7.01 3.09 5.55
CA THR A 130 -6.55 2.43 4.33
C THR A 130 -5.34 1.57 4.66
N ILE A 131 -5.16 0.50 3.88
CA ILE A 131 -4.01 -0.36 4.07
C ILE A 131 -2.78 0.50 3.75
N GLN A 132 -2.96 1.51 2.89
CA GLN A 132 -1.85 2.39 2.54
C GLN A 132 -1.27 3.01 3.79
N GLU A 133 -2.14 3.51 4.67
CA GLU A 133 -1.68 4.12 5.91
C GLU A 133 -0.94 3.08 6.77
N PHE A 134 -1.52 1.89 6.86
CA PHE A 134 -0.96 0.82 7.67
C PHE A 134 0.39 0.36 7.11
N ASP A 135 0.43 0.14 5.80
CA ASP A 135 1.63 -0.31 5.10
C ASP A 135 2.76 0.71 5.30
N PHE A 136 2.47 1.98 5.07
CA PHE A 136 3.44 3.04 5.26
C PHE A 136 4.04 3.06 6.66
N LYS A 137 3.18 3.08 7.65
CA LYS A 137 3.63 3.13 9.04
C LYS A 137 4.43 1.90 9.45
N ILE A 138 3.98 0.73 9.05
CA ILE A 138 4.68 -0.49 9.41
C ILE A 138 6.04 -0.57 8.69
N ARG A 139 6.10 -0.12 7.43
CA ARG A 139 7.36 -0.14 6.71
C ARG A 139 8.34 0.81 7.39
N GLN A 140 7.86 1.98 7.78
CA GLN A 140 8.74 2.94 8.47
C GLN A 140 9.26 2.26 9.74
N TYR A 141 8.36 1.66 10.50
CA TYR A 141 8.74 0.97 11.73
C TYR A 141 9.81 -0.07 11.43
N LEU A 142 9.54 -0.92 10.43
CA LEU A 142 10.48 -1.97 10.04
C LEU A 142 11.81 -1.39 9.56
N MET A 143 11.75 -0.24 8.90
CA MET A 143 12.95 0.40 8.40
C MET A 143 13.81 0.90 9.56
N GLN A 144 13.20 1.63 10.48
CA GLN A 144 13.90 2.17 11.65
C GLN A 144 14.41 1.09 12.61
N THR A 145 13.61 0.05 12.79
CA THR A 145 13.93 -1.03 13.72
C THR A 145 14.74 -2.20 13.19
N TYR A 146 14.35 -2.74 12.04
CA TYR A 146 15.04 -3.90 11.49
C TYR A 146 15.85 -3.63 10.24
N LYS A 147 15.83 -2.38 9.78
CA LYS A 147 16.59 -1.96 8.62
C LYS A 147 16.33 -2.88 7.43
N ILE A 148 15.07 -3.26 7.22
CA ILE A 148 14.73 -4.18 6.13
C ILE A 148 15.10 -3.69 4.74
N TYR A 149 15.32 -2.39 4.57
CA TYR A 149 15.68 -1.89 3.25
C TYR A 149 17.13 -1.45 3.16
N ASP A 150 17.91 -1.79 4.18
CA ASP A 150 19.33 -1.46 4.20
C ASP A 150 20.04 -2.56 3.40
N PRO A 151 20.97 -2.19 2.52
CA PRO A 151 21.69 -3.18 1.72
C PRO A 151 22.47 -4.22 2.54
N ASN A 152 22.82 -3.87 3.77
CA ASN A 152 23.57 -4.81 4.61
C ASN A 152 22.75 -5.63 5.59
N SER A 153 21.43 -5.56 5.48
CA SER A 153 20.57 -6.37 6.34
C SER A 153 20.41 -7.65 5.52
N PRO A 154 20.22 -8.81 6.19
CA PRO A 154 20.07 -10.08 5.48
C PRO A 154 18.72 -10.32 4.81
N TYR A 155 17.74 -9.49 5.16
CA TYR A 155 16.39 -9.63 4.63
C TYR A 155 16.29 -9.26 3.15
N ILE A 156 15.87 -10.22 2.33
CA ILE A 156 15.73 -9.99 0.89
C ILE A 156 14.35 -10.33 0.37
N LYS A 157 13.49 -10.86 1.24
CA LYS A 157 12.12 -11.21 0.88
C LYS A 157 11.26 -10.93 2.10
N GLY A 158 10.03 -10.48 1.88
CA GLY A 158 9.15 -10.18 3.00
C GLY A 158 7.71 -9.99 2.61
N GLN A 159 6.80 -10.28 3.54
CA GLN A 159 5.37 -10.13 3.30
C GLN A 159 4.70 -9.53 4.52
N LEU A 160 3.72 -8.66 4.27
CA LEU A 160 2.95 -8.05 5.34
C LEU A 160 1.55 -8.61 5.20
N GLU A 161 1.02 -9.18 6.28
CA GLU A 161 -0.32 -9.74 6.24
C GLU A 161 -1.22 -9.08 7.28
N ILE A 162 -2.44 -8.74 6.87
CA ILE A 162 -3.40 -8.11 7.77
C ILE A 162 -4.55 -9.08 7.97
N ALA A 163 -4.75 -9.52 9.22
CA ALA A 163 -5.81 -10.45 9.53
C ALA A 163 -7.10 -9.73 9.94
N ILE A 164 -8.18 -10.02 9.22
CA ILE A 164 -9.48 -9.44 9.51
C ILE A 164 -10.51 -10.54 9.79
N ASN A 165 -11.46 -10.26 10.66
CA ASN A 165 -12.49 -11.23 11.01
C ASN A 165 -13.15 -11.74 9.73
N GLY A 166 -13.31 -13.06 9.64
CA GLY A 166 -13.93 -13.64 8.46
C GLY A 166 -12.89 -14.39 7.65
N ASN A 167 -11.77 -14.70 8.29
CA ASN A 167 -10.67 -15.42 7.65
C ASN A 167 -10.06 -14.68 6.47
N LYS A 168 -10.03 -13.36 6.56
CA LYS A 168 -9.46 -12.56 5.47
C LYS A 168 -8.04 -12.10 5.82
N HIS A 169 -7.06 -12.76 5.22
CA HIS A 169 -5.66 -12.42 5.43
C HIS A 169 -5.11 -11.62 4.26
N GLU A 170 -5.11 -10.30 4.38
CA GLU A 170 -4.56 -9.45 3.32
C GLU A 170 -3.06 -9.69 3.32
N SER A 171 -2.46 -9.81 2.14
CA SER A 171 -1.03 -10.06 2.04
C SER A 171 -0.37 -9.20 0.95
N PHE A 172 0.74 -8.56 1.30
CA PHE A 172 1.45 -7.68 0.38
C PHE A 172 2.95 -7.92 0.41
N ASN A 173 3.58 -7.85 -0.75
CA ASN A 173 5.02 -8.02 -0.88
C ASN A 173 5.69 -6.78 -0.28
N LEU A 174 6.68 -6.97 0.57
CA LEU A 174 7.36 -5.83 1.17
C LEU A 174 8.55 -5.37 0.33
N TYR A 175 8.90 -6.16 -0.67
CA TYR A 175 10.02 -5.84 -1.55
C TYR A 175 9.48 -5.71 -2.97
N ASP A 176 8.45 -4.88 -3.11
CA ASP A 176 7.79 -4.68 -4.40
C ASP A 176 8.33 -3.52 -5.23
N ALA A 177 9.47 -3.73 -5.86
CA ALA A 177 10.08 -2.72 -6.71
C ALA A 177 11.20 -3.33 -7.51
N THR A 178 11.64 -2.60 -8.54
CA THR A 178 12.77 -3.01 -9.36
C THR A 178 13.79 -1.91 -9.09
N SER A 179 14.98 -2.04 -9.65
CA SER A 179 16.00 -1.03 -9.45
C SER A 179 15.62 0.28 -10.14
N SER A 180 14.62 0.22 -11.00
CA SER A 180 14.16 1.41 -11.74
C SER A 180 12.89 2.04 -11.17
N SER A 181 12.19 1.32 -10.30
CA SER A 181 10.94 1.83 -9.74
C SER A 181 11.00 3.22 -9.11
N THR A 182 10.04 4.07 -9.51
CA THR A 182 9.91 5.42 -8.97
C THR A 182 8.80 5.37 -7.94
N ARG A 183 8.59 6.47 -7.22
CA ARG A 183 7.54 6.50 -6.21
C ARG A 183 6.19 6.20 -6.85
N SER A 184 5.96 6.79 -8.01
CA SER A 184 4.71 6.57 -8.72
C SER A 184 4.50 5.08 -9.01
N ASP A 185 5.54 4.40 -9.47
CA ASP A 185 5.43 2.97 -9.76
C ASP A 185 5.13 2.17 -8.49
N ILE A 186 5.86 2.50 -7.42
CA ILE A 186 5.70 1.80 -6.15
C ILE A 186 4.37 2.09 -5.45
N PHE A 187 3.91 3.33 -5.47
CA PHE A 187 2.67 3.70 -4.80
C PHE A 187 1.39 3.41 -5.59
N LYS A 188 1.52 3.16 -6.89
CA LYS A 188 0.35 2.91 -7.74
C LYS A 188 -0.58 1.83 -7.19
N LYS A 189 -0.02 0.83 -6.51
CA LYS A 189 -0.82 -0.24 -5.94
C LYS A 189 -1.91 0.31 -5.01
N TYR A 190 -1.66 1.47 -4.40
CA TYR A 190 -2.62 2.07 -3.48
C TYR A 190 -3.87 2.63 -4.14
N LYS A 191 -3.90 2.64 -5.48
CA LYS A 191 -5.07 3.13 -6.20
C LYS A 191 -6.29 2.26 -5.91
N ASP A 192 -6.11 1.06 -5.37
CA ASP A 192 -7.27 0.23 -5.08
C ASP A 192 -8.02 0.72 -3.84
N ASN A 193 -7.45 1.72 -3.16
CA ASN A 193 -8.08 2.31 -1.98
C ASN A 193 -8.55 1.26 -0.97
N LYS A 194 -7.84 0.13 -0.88
CA LYS A 194 -8.25 -0.90 0.08
C LYS A 194 -8.35 -0.32 1.48
N THR A 195 -9.48 -0.56 2.11
CA THR A 195 -9.76 -0.03 3.43
C THR A 195 -10.13 -1.09 4.47
N ILE A 196 -9.85 -0.79 5.73
CA ILE A 196 -10.15 -1.71 6.82
C ILE A 196 -10.88 -1.02 7.97
N ASN A 197 -11.82 -1.75 8.57
CA ASN A 197 -12.58 -1.25 9.72
C ASN A 197 -11.79 -1.72 10.95
N MET A 198 -11.39 -0.77 11.79
CA MET A 198 -10.61 -1.11 12.98
C MET A 198 -11.31 -2.14 13.87
N LYS A 199 -12.65 -2.19 13.79
CA LYS A 199 -13.41 -3.15 14.60
C LYS A 199 -13.42 -4.54 13.98
N ASP A 200 -12.89 -4.66 12.76
CA ASP A 200 -12.80 -5.95 12.07
C ASP A 200 -11.37 -6.46 12.12
N PHE A 201 -10.45 -5.57 12.52
CA PHE A 201 -9.03 -5.90 12.59
C PHE A 201 -8.64 -6.85 13.73
N SER A 202 -8.04 -7.97 13.35
CA SER A 202 -7.58 -8.97 14.31
C SER A 202 -6.12 -8.71 14.74
N HIS A 203 -5.21 -8.79 13.78
CA HIS A 203 -3.79 -8.55 14.03
C HIS A 203 -3.05 -8.57 12.71
N PHE A 204 -1.73 -8.39 12.78
CA PHE A 204 -0.92 -8.41 11.56
C PHE A 204 0.32 -9.26 11.77
N ASP A 205 0.89 -9.74 10.67
CA ASP A 205 2.09 -10.55 10.71
C ASP A 205 3.11 -9.94 9.77
N ILE A 206 4.38 -10.08 10.12
CA ILE A 206 5.47 -9.60 9.30
C ILE A 206 6.39 -10.79 9.11
N TYR A 207 6.48 -11.26 7.87
CA TYR A 207 7.31 -12.39 7.50
C TYR A 207 8.55 -11.91 6.75
N LEU A 208 9.70 -11.98 7.39
CA LEU A 208 10.93 -11.57 6.72
C LEU A 208 11.74 -12.83 6.42
N TRP A 209 12.39 -12.84 5.26
CA TRP A 209 13.19 -14.00 4.87
C TRP A 209 14.61 -13.62 4.47
N THR A 210 15.55 -14.50 4.80
CA THR A 210 16.96 -14.26 4.48
C THR A 210 17.37 -15.16 3.31
N LYS A 211 16.43 -15.98 2.86
CA LYS A 211 16.69 -16.90 1.75
C LYS A 211 15.37 -17.45 1.19
N LYS B 1 31.37 0.07 -19.80
CA LYS B 1 29.91 0.19 -20.08
C LYS B 1 29.25 1.16 -19.12
N SER B 2 29.92 2.28 -18.85
CA SER B 2 29.41 3.30 -17.94
C SER B 2 30.18 4.62 -18.12
N ASP B 3 29.46 5.74 -18.00
CA ASP B 3 30.06 7.07 -18.16
C ASP B 3 29.49 8.08 -17.17
N SER B 4 30.30 9.08 -16.83
CA SER B 4 29.90 10.13 -15.90
C SER B 4 29.26 9.52 -14.65
N GLU B 5 29.82 8.42 -14.19
CA GLU B 5 29.30 7.72 -13.01
C GLU B 5 29.13 8.61 -11.78
N ASN B 6 30.17 9.34 -11.41
CA ASN B 6 30.10 10.19 -10.23
C ASN B 6 29.01 11.25 -10.31
N ILE B 7 29.16 12.20 -11.22
CA ILE B 7 28.18 13.27 -11.37
C ILE B 7 26.76 12.71 -11.35
N LYS B 8 26.57 11.52 -11.92
CA LYS B 8 25.25 10.90 -11.92
C LYS B 8 24.89 10.45 -10.49
N ASP B 9 25.89 9.94 -9.76
CA ASP B 9 25.66 9.51 -8.39
C ASP B 9 25.39 10.72 -7.49
N VAL B 10 26.08 11.82 -7.76
CA VAL B 10 25.90 13.05 -6.99
C VAL B 10 24.47 13.55 -7.16
N LYS B 11 24.02 13.62 -8.42
CA LYS B 11 22.67 14.07 -8.73
C LYS B 11 21.62 13.16 -8.08
N LEU B 12 21.91 11.85 -8.05
CA LEU B 12 20.98 10.90 -7.45
C LEU B 12 20.73 11.27 -5.98
N GLN B 13 21.82 11.47 -5.23
CA GLN B 13 21.71 11.82 -3.82
C GLN B 13 20.88 13.09 -3.66
N LEU B 14 21.14 14.06 -4.52
CA LEU B 14 20.41 15.34 -4.47
C LEU B 14 18.93 15.15 -4.79
N ASN B 15 18.65 14.33 -5.80
CA ASN B 15 17.29 14.06 -6.22
C ASN B 15 16.54 13.41 -5.06
N TYR B 16 17.18 12.44 -4.41
CA TYR B 16 16.57 11.76 -3.27
C TYR B 16 16.27 12.74 -2.13
N ALA B 17 17.25 13.56 -1.82
CA ALA B 17 17.14 14.51 -0.72
C ALA B 17 16.05 15.57 -0.81
N TYR B 18 15.93 16.23 -1.95
CA TYR B 18 14.96 17.30 -2.08
C TYR B 18 13.53 16.95 -2.51
N GLU B 19 13.29 15.69 -2.88
CA GLU B 19 11.95 15.25 -3.26
C GLU B 19 11.28 14.87 -1.94
N ILE B 20 10.79 15.86 -1.21
CA ILE B 20 10.19 15.62 0.10
C ILE B 20 9.20 16.71 0.48
N ILE B 21 8.26 16.38 1.37
CA ILE B 21 7.34 17.40 1.83
C ILE B 21 8.07 18.07 3.01
N PRO B 22 8.04 19.40 3.05
CA PRO B 22 8.72 20.12 4.14
C PRO B 22 7.90 20.24 5.42
N VAL B 23 8.60 20.47 6.53
CA VAL B 23 7.95 20.66 7.82
C VAL B 23 7.64 22.15 7.77
N ASP B 24 6.35 22.47 7.65
CA ASP B 24 5.90 23.85 7.50
C ASP B 24 4.76 24.20 8.46
N TYR B 25 5.07 25.03 9.45
CA TYR B 25 4.09 25.43 10.46
C TYR B 25 4.36 26.86 10.90
N THR B 26 3.29 27.62 11.11
CA THR B 26 3.43 29.01 11.54
C THR B 26 2.88 29.23 12.94
N ASN B 27 3.40 30.26 13.60
CA ASN B 27 2.96 30.62 14.94
C ASN B 27 3.09 29.47 15.94
N CYS B 28 4.31 28.98 16.14
CA CYS B 28 4.55 27.87 17.06
C CYS B 28 5.37 28.33 18.27
N ASN B 29 5.07 27.74 19.42
CA ASN B 29 5.77 28.09 20.64
C ASN B 29 7.12 27.39 20.80
N ILE B 30 8.13 28.16 21.20
CA ILE B 30 9.44 27.59 21.47
C ILE B 30 9.32 27.09 22.91
N ASP B 31 9.23 25.78 23.09
CA ASP B 31 9.11 25.23 24.43
C ASP B 31 10.41 25.26 25.21
N TYR B 32 11.53 25.07 24.52
CA TYR B 32 12.82 25.07 25.20
C TYR B 32 13.94 25.35 24.22
N LEU B 33 15.03 25.91 24.74
CA LEU B 33 16.19 26.24 23.94
C LEU B 33 17.47 25.75 24.60
N THR B 34 18.33 25.09 23.84
CA THR B 34 19.61 24.62 24.36
C THR B 34 20.66 25.36 23.57
N THR B 35 21.92 24.95 23.71
CA THR B 35 23.00 25.62 23.01
C THR B 35 22.89 25.53 21.50
N HIS B 36 22.41 24.39 20.99
CA HIS B 36 22.29 24.18 19.54
C HIS B 36 20.94 23.64 19.08
N ASP B 37 19.94 23.66 19.94
CA ASP B 37 18.64 23.12 19.56
C ASP B 37 17.44 23.97 19.95
N PHE B 38 16.45 23.97 19.06
CA PHE B 38 15.18 24.62 19.26
C PHE B 38 14.24 23.44 19.51
N TYR B 39 13.39 23.54 20.52
CA TYR B 39 12.41 22.48 20.78
C TYR B 39 11.07 23.21 20.66
N ILE B 40 10.42 23.02 19.51
CA ILE B 40 9.17 23.70 19.19
C ILE B 40 7.93 22.81 19.21
N ASP B 41 6.88 23.29 19.86
CA ASP B 41 5.63 22.55 19.96
C ASP B 41 4.71 22.82 18.78
N ILE B 42 4.21 21.76 18.16
CA ILE B 42 3.27 21.89 17.05
C ILE B 42 2.05 21.00 17.38
N SER B 43 1.85 20.74 18.66
CA SER B 43 0.76 19.88 19.11
C SER B 43 -0.63 20.30 18.65
N SER B 44 -0.87 21.60 18.60
CA SER B 44 -2.17 22.13 18.18
C SER B 44 -2.47 21.75 16.73
N TYR B 45 -1.44 21.74 15.90
CA TYR B 45 -1.58 21.37 14.50
C TYR B 45 -1.82 19.88 14.38
N LYS B 46 -0.94 19.12 15.02
CA LYS B 46 -0.99 17.67 15.02
C LYS B 46 -2.11 17.07 15.85
N LYS B 47 -2.82 17.92 16.60
CA LYS B 47 -3.91 17.45 17.45
C LYS B 47 -3.41 16.29 18.31
N LYS B 48 -2.14 16.36 18.70
CA LYS B 48 -1.50 15.35 19.53
C LYS B 48 -0.15 15.89 19.99
N ASN B 49 0.47 15.19 20.94
CA ASN B 49 1.77 15.59 21.46
C ASN B 49 2.76 15.50 20.32
N PHE B 50 3.21 16.64 19.80
CA PHE B 50 4.14 16.64 18.68
C PHE B 50 5.07 17.83 18.73
N SER B 51 6.34 17.60 18.42
CA SER B 51 7.33 18.69 18.43
C SER B 51 8.30 18.64 17.27
N VAL B 52 9.05 19.73 17.12
CA VAL B 52 10.05 19.88 16.07
C VAL B 52 11.37 20.16 16.78
N ASP B 53 12.38 19.37 16.46
CA ASP B 53 13.71 19.53 17.02
C ASP B 53 14.56 20.10 15.87
N SER B 54 14.91 21.38 15.97
CA SER B 54 15.74 22.02 14.94
C SER B 54 17.13 22.23 15.51
N GLU B 55 18.12 21.64 14.88
CA GLU B 55 19.49 21.78 15.34
C GLU B 55 20.13 22.90 14.52
N VAL B 56 20.89 23.76 15.18
CA VAL B 56 21.55 24.87 14.49
C VAL B 56 22.99 25.05 14.97
N GLU B 57 23.71 25.95 14.33
CA GLU B 57 25.10 26.19 14.71
C GLU B 57 25.11 27.07 15.96
N SER B 58 26.27 27.19 16.58
CA SER B 58 26.41 27.99 17.79
C SER B 58 25.83 29.40 17.72
N TYR B 59 25.30 29.83 18.86
CA TYR B 59 24.75 31.16 19.04
C TYR B 59 23.60 31.60 18.15
N ILE B 60 22.83 30.65 17.64
CA ILE B 60 21.67 31.00 16.82
C ILE B 60 20.46 31.08 17.74
N THR B 61 20.33 30.10 18.63
CA THR B 61 19.21 30.07 19.56
C THR B 61 19.27 31.23 20.54
N THR B 62 20.44 31.88 20.63
CA THR B 62 20.61 33.01 21.53
C THR B 62 19.87 34.24 21.04
N LYS B 63 19.40 34.20 19.79
CA LYS B 63 18.66 35.31 19.20
C LYS B 63 17.15 35.11 19.39
N PHE B 64 16.78 34.06 20.12
CA PHE B 64 15.38 33.75 20.36
C PHE B 64 15.19 33.53 21.85
N THR B 65 13.94 33.42 22.28
CA THR B 65 13.66 33.18 23.69
C THR B 65 12.54 32.16 23.87
N LYS B 66 12.60 31.43 24.98
CA LYS B 66 11.58 30.44 25.27
C LYS B 66 10.20 31.10 25.25
N ASN B 67 9.22 30.37 24.73
CA ASN B 67 7.85 30.85 24.61
C ASN B 67 7.61 31.93 23.57
N GLN B 68 8.61 32.18 22.74
CA GLN B 68 8.49 33.14 21.66
C GLN B 68 7.73 32.34 20.58
N LYS B 69 7.01 33.02 19.69
CA LYS B 69 6.29 32.30 18.64
C LYS B 69 7.09 32.37 17.34
N VAL B 70 7.31 31.23 16.71
CA VAL B 70 8.09 31.21 15.47
C VAL B 70 7.41 30.42 14.37
N ASN B 71 7.92 30.60 13.16
CA ASN B 71 7.44 29.88 12.00
C ASN B 71 8.55 28.90 11.66
N ILE B 72 8.14 27.75 11.16
CA ILE B 72 9.07 26.69 10.80
C ILE B 72 8.93 26.30 9.34
N PHE B 73 10.08 26.14 8.69
CA PHE B 73 10.13 25.67 7.31
C PHE B 73 11.47 24.97 7.18
N GLY B 74 11.46 23.67 7.43
CA GLY B 74 12.69 22.91 7.36
C GLY B 74 12.49 21.58 6.69
N LEU B 75 13.58 21.04 6.15
CA LEU B 75 13.50 19.76 5.50
C LEU B 75 13.95 18.66 6.46
N PRO B 76 13.08 17.67 6.71
CA PRO B 76 13.43 16.59 7.63
C PRO B 76 14.61 15.78 7.08
N TYR B 77 15.61 15.52 7.92
CA TYR B 77 16.78 14.77 7.47
C TYR B 77 16.80 13.33 7.97
N ILE B 78 15.82 12.96 8.79
CA ILE B 78 15.76 11.60 9.31
C ILE B 78 14.36 11.33 9.86
N PHE B 79 13.96 10.06 9.83
CA PHE B 79 12.64 9.66 10.32
C PHE B 79 12.77 8.63 11.44
N THR B 80 12.02 8.84 12.51
CA THR B 80 12.05 7.94 13.67
C THR B 80 10.66 7.47 14.05
N ARG B 81 10.59 6.73 15.16
CA ARG B 81 9.33 6.20 15.66
C ARG B 81 8.71 7.14 16.68
N TYR B 82 9.33 8.31 16.86
CA TYR B 82 8.82 9.29 17.82
C TYR B 82 8.02 10.37 17.10
N ASP B 83 7.16 11.05 17.85
CA ASP B 83 6.35 12.13 17.29
C ASP B 83 7.19 13.40 17.39
N VAL B 84 8.26 13.43 16.59
CA VAL B 84 9.16 14.56 16.55
C VAL B 84 9.72 14.65 15.14
N TYR B 85 9.78 15.86 14.60
CA TYR B 85 10.35 16.07 13.28
C TYR B 85 11.77 16.61 13.52
N TYR B 86 12.75 16.09 12.80
CA TYR B 86 14.13 16.55 12.97
C TYR B 86 14.59 17.33 11.74
N ILE B 87 14.92 18.60 11.95
CA ILE B 87 15.38 19.47 10.86
C ILE B 87 16.57 20.31 11.33
N TYR B 88 17.19 21.02 10.38
CA TYR B 88 18.30 21.93 10.67
C TYR B 88 17.76 23.33 10.35
N GLY B 89 17.96 24.29 11.24
CA GLY B 89 17.48 25.63 11.01
C GLY B 89 16.00 25.72 10.68
N GLY B 90 15.67 26.59 9.71
CA GLY B 90 14.30 26.78 9.28
C GLY B 90 13.39 27.50 10.26
N VAL B 91 13.97 28.23 11.20
CA VAL B 91 13.21 28.92 12.23
C VAL B 91 13.31 30.43 12.12
N THR B 92 12.16 31.08 12.01
CA THR B 92 12.09 32.54 11.91
C THR B 92 11.05 33.07 12.89
N PRO B 93 11.25 34.30 13.39
CA PRO B 93 10.26 34.85 14.33
C PRO B 93 8.94 35.15 13.62
N SER B 94 7.84 35.12 14.37
CA SER B 94 6.53 35.43 13.82
C SER B 94 6.31 36.93 13.96
N VAL B 95 6.38 37.65 12.83
CA VAL B 95 6.23 39.09 12.82
C VAL B 95 4.78 39.58 12.85
N ASN B 96 4.60 40.84 13.24
CA ASN B 96 3.29 41.46 13.32
C ASN B 96 2.60 41.33 11.96
N SER B 97 3.39 41.35 10.90
CA SER B 97 2.89 41.25 9.54
C SER B 97 2.38 39.83 9.25
N ASN B 98 3.23 39.00 8.65
CA ASN B 98 2.87 37.63 8.31
C ASN B 98 1.63 37.59 7.41
N LYS B 103 6.62 38.81 -4.01
CA LYS B 103 7.26 39.42 -5.16
C LYS B 103 8.70 38.92 -5.35
N ILE B 104 8.84 37.62 -5.60
CA ILE B 104 10.15 37.00 -5.81
C ILE B 104 10.42 36.82 -7.30
N VAL B 105 11.27 37.67 -7.87
CA VAL B 105 11.59 37.57 -9.29
C VAL B 105 13.07 37.34 -9.53
N GLY B 106 13.40 36.76 -10.68
CA GLY B 106 14.78 36.49 -11.01
C GLY B 106 14.91 36.00 -12.43
N ASN B 107 16.11 35.56 -12.80
CA ASN B 107 16.34 35.06 -14.14
C ASN B 107 17.04 33.72 -14.12
N LEU B 108 17.00 33.01 -15.25
CA LEU B 108 17.62 31.70 -15.36
C LEU B 108 18.47 31.62 -16.63
N LEU B 109 19.71 31.18 -16.48
CA LEU B 109 20.60 31.06 -17.62
C LEU B 109 21.06 29.62 -17.77
N ILE B 110 21.15 29.17 -19.01
CA ILE B 110 21.62 27.81 -19.30
C ILE B 110 22.82 27.95 -20.21
N ASP B 111 23.98 27.53 -19.73
CA ASP B 111 25.20 27.62 -20.52
C ASP B 111 25.40 29.03 -21.08
N GLY B 112 25.22 30.03 -20.24
CA GLY B 112 25.43 31.41 -20.67
C GLY B 112 24.29 32.12 -21.36
N VAL B 113 23.26 31.40 -21.76
CA VAL B 113 22.11 32.02 -22.42
C VAL B 113 20.92 32.12 -21.48
N GLN B 114 20.38 33.33 -21.33
CA GLN B 114 19.24 33.55 -20.45
C GLN B 114 17.97 32.97 -21.07
N GLN B 115 17.37 31.99 -20.41
CA GLN B 115 16.16 31.36 -20.91
C GLN B 115 14.92 32.03 -20.32
N LYS B 116 14.98 32.30 -19.03
CA LYS B 116 13.87 32.94 -18.34
C LYS B 116 14.30 34.31 -17.85
N THR B 117 13.44 35.30 -18.04
CA THR B 117 13.72 36.66 -17.61
C THR B 117 12.59 37.12 -16.72
N LEU B 118 12.95 37.68 -15.57
CA LEU B 118 11.97 38.17 -14.61
C LEU B 118 10.82 37.19 -14.34
N ILE B 119 11.16 35.94 -14.05
CA ILE B 119 10.14 34.95 -13.74
C ILE B 119 9.84 34.94 -12.24
N ASN B 120 8.61 34.55 -11.90
CA ASN B 120 8.13 34.49 -10.52
C ASN B 120 7.85 33.01 -10.21
N PRO B 121 8.89 32.16 -10.27
CA PRO B 121 8.82 30.72 -10.02
C PRO B 121 8.29 30.21 -8.69
N ILE B 122 8.51 30.97 -7.62
CA ILE B 122 8.07 30.54 -6.30
C ILE B 122 7.33 31.63 -5.53
N LYS B 123 6.72 31.21 -4.42
CA LYS B 123 5.99 32.13 -3.57
C LYS B 123 6.32 31.89 -2.10
N ILE B 124 6.49 32.98 -1.38
CA ILE B 124 6.80 32.96 0.04
C ILE B 124 5.96 34.07 0.68
N ASP B 125 4.99 33.70 1.49
CA ASP B 125 4.12 34.68 2.13
C ASP B 125 4.70 35.31 3.40
N LYS B 126 5.83 34.80 3.85
CA LYS B 126 6.50 35.33 5.05
C LYS B 126 7.33 36.57 4.76
N PRO B 127 7.18 37.62 5.59
CA PRO B 127 7.97 38.84 5.35
C PRO B 127 9.42 38.56 5.77
N ILE B 128 9.60 37.45 6.50
CA ILE B 128 10.91 37.01 6.95
C ILE B 128 10.97 35.50 6.76
N PHE B 129 11.91 35.04 5.94
CA PHE B 129 12.06 33.62 5.67
C PHE B 129 13.52 33.18 5.65
N THR B 130 13.73 31.88 5.73
CA THR B 130 15.08 31.33 5.70
C THR B 130 15.49 31.06 4.26
N ILE B 131 16.80 31.07 4.02
CA ILE B 131 17.28 30.77 2.69
C ILE B 131 16.93 29.31 2.42
N GLN B 132 16.83 28.52 3.49
CA GLN B 132 16.45 27.13 3.36
C GLN B 132 15.10 26.99 2.62
N GLU B 133 14.12 27.81 3.00
CA GLU B 133 12.80 27.74 2.36
C GLU B 133 12.91 28.17 0.89
N PHE B 134 13.65 29.23 0.66
CA PHE B 134 13.86 29.77 -0.68
C PHE B 134 14.59 28.75 -1.55
N ASP B 135 15.71 28.24 -1.04
CA ASP B 135 16.53 27.27 -1.73
C ASP B 135 15.71 26.03 -2.10
N PHE B 136 14.94 25.53 -1.14
CA PHE B 136 14.09 24.38 -1.35
C PHE B 136 13.11 24.59 -2.51
N LYS B 137 12.37 25.69 -2.45
CA LYS B 137 11.39 26.00 -3.49
C LYS B 137 11.99 26.21 -4.87
N ILE B 138 13.17 26.82 -4.94
CA ILE B 138 13.81 27.01 -6.24
C ILE B 138 14.25 25.64 -6.79
N ARG B 139 14.84 24.80 -5.95
CA ARG B 139 15.29 23.49 -6.41
C ARG B 139 14.10 22.64 -6.88
N GLN B 140 12.99 22.68 -6.13
CA GLN B 140 11.82 21.92 -6.55
C GLN B 140 11.34 22.45 -7.90
N TYR B 141 11.39 23.76 -8.07
CA TYR B 141 10.99 24.37 -9.33
C TYR B 141 11.89 23.84 -10.46
N LEU B 142 13.19 23.78 -10.18
CA LEU B 142 14.16 23.30 -11.17
C LEU B 142 14.06 21.79 -11.40
N MET B 143 13.74 21.04 -10.34
CA MET B 143 13.61 19.61 -10.49
C MET B 143 12.37 19.33 -11.32
N GLN B 144 11.30 20.05 -11.03
CA GLN B 144 10.04 19.88 -11.75
C GLN B 144 10.13 20.34 -13.19
N THR B 145 10.76 21.49 -13.41
CA THR B 145 10.86 22.04 -14.75
C THR B 145 11.99 21.51 -15.63
N TYR B 146 13.21 21.43 -15.08
CA TYR B 146 14.35 20.95 -15.86
C TYR B 146 14.95 19.63 -15.40
N LYS B 147 14.33 18.99 -14.41
CA LYS B 147 14.83 17.73 -13.88
C LYS B 147 16.35 17.77 -13.74
N ILE B 148 16.83 18.83 -13.08
CA ILE B 148 18.26 19.04 -12.90
C ILE B 148 19.03 17.95 -12.17
N TYR B 149 18.32 17.13 -11.38
CA TYR B 149 18.97 16.06 -10.65
C TYR B 149 18.71 14.68 -11.26
N ASP B 150 18.04 14.63 -12.41
CA ASP B 150 17.78 13.34 -13.05
C ASP B 150 19.06 12.94 -13.79
N PRO B 151 19.51 11.70 -13.60
CA PRO B 151 20.72 11.18 -14.24
C PRO B 151 20.76 11.35 -15.74
N ASN B 152 19.59 11.36 -16.37
CA ASN B 152 19.54 11.50 -17.82
C ASN B 152 19.30 12.92 -18.34
N SER B 153 19.47 13.91 -17.48
CA SER B 153 19.32 15.31 -17.90
C SER B 153 20.77 15.79 -18.10
N PRO B 154 20.99 16.77 -18.98
CA PRO B 154 22.34 17.28 -19.25
C PRO B 154 22.89 18.28 -18.24
N TYR B 155 22.10 18.63 -17.24
CA TYR B 155 22.52 19.62 -16.25
C TYR B 155 23.45 19.01 -15.21
N ILE B 156 24.69 19.49 -15.16
CA ILE B 156 25.67 18.95 -14.22
C ILE B 156 26.29 19.96 -13.25
N LYS B 157 26.04 21.24 -13.49
CA LYS B 157 26.57 22.29 -12.63
C LYS B 157 25.51 23.37 -12.49
N GLY B 158 25.52 24.08 -11.37
CA GLY B 158 24.54 25.13 -11.18
C GLY B 158 24.79 25.99 -9.96
N GLN B 159 24.32 27.24 -10.04
CA GLN B 159 24.48 28.19 -8.97
C GLN B 159 23.16 28.94 -8.75
N LEU B 160 22.86 29.24 -7.50
CA LEU B 160 21.68 30.02 -7.17
C LEU B 160 22.24 31.27 -6.51
N GLU B 161 22.04 32.42 -7.16
CA GLU B 161 22.54 33.68 -6.62
C GLU B 161 21.37 34.47 -6.04
N ILE B 162 21.57 35.03 -4.86
CA ILE B 162 20.53 35.80 -4.21
C ILE B 162 21.02 37.23 -3.98
N ALA B 163 20.36 38.18 -4.62
CA ALA B 163 20.73 39.61 -4.48
C ALA B 163 19.90 40.27 -3.39
N ILE B 164 20.58 40.91 -2.45
CA ILE B 164 19.95 41.59 -1.33
C ILE B 164 20.25 43.08 -1.35
N ASN B 165 19.20 43.90 -1.36
CA ASN B 165 19.35 45.35 -1.37
C ASN B 165 20.37 45.82 -0.35
N GLY B 166 21.39 46.54 -0.83
CA GLY B 166 22.43 47.05 0.07
C GLY B 166 23.37 46.01 0.62
N ASN B 167 23.77 45.06 -0.22
CA ASN B 167 24.69 43.99 0.18
C ASN B 167 25.12 43.24 -1.07
N LYS B 168 26.29 42.60 -1.01
CA LYS B 168 26.77 41.84 -2.16
C LYS B 168 25.92 40.60 -2.39
N HIS B 169 26.04 40.02 -3.58
CA HIS B 169 25.31 38.81 -3.93
C HIS B 169 25.78 37.68 -3.03
N GLU B 170 24.98 36.62 -2.98
CA GLU B 170 25.32 35.42 -2.23
C GLU B 170 25.05 34.26 -3.16
N SER B 171 26.06 33.42 -3.36
CA SER B 171 25.94 32.28 -4.25
C SER B 171 25.91 30.95 -3.52
N PHE B 172 25.07 30.06 -4.01
CA PHE B 172 24.90 28.74 -3.43
C PHE B 172 25.00 27.68 -4.52
N ASN B 173 25.85 26.69 -4.30
CA ASN B 173 26.05 25.60 -5.26
C ASN B 173 24.81 24.72 -5.27
N LEU B 174 24.27 24.46 -6.46
CA LEU B 174 23.07 23.63 -6.58
C LEU B 174 23.39 22.15 -6.64
N TYR B 175 24.65 21.80 -6.86
CA TYR B 175 25.07 20.40 -6.92
C TYR B 175 26.04 20.16 -5.77
N ASP B 176 25.65 20.62 -4.59
CA ASP B 176 26.47 20.49 -3.39
C ASP B 176 26.32 19.16 -2.64
N ALA B 177 26.92 18.11 -3.19
CA ALA B 177 26.86 16.79 -2.58
C ALA B 177 27.85 15.82 -3.20
N THR B 178 28.19 14.77 -2.46
CA THR B 178 29.09 13.75 -2.95
C THR B 178 28.24 12.50 -3.18
N SER B 179 28.86 11.46 -3.72
CA SER B 179 28.17 10.21 -4.01
C SER B 179 27.67 9.51 -2.75
N SER B 180 28.28 9.81 -1.61
CA SER B 180 27.87 9.16 -0.36
C SER B 180 27.23 10.11 0.63
N SER B 181 26.73 11.24 0.15
CA SER B 181 26.08 12.22 1.02
C SER B 181 24.65 11.81 1.32
N THR B 182 24.29 11.83 2.60
CA THR B 182 22.93 11.49 3.02
C THR B 182 22.17 12.82 3.08
N ARG B 183 20.88 12.74 3.34
CA ARG B 183 20.05 13.92 3.47
C ARG B 183 20.64 14.82 4.55
N SER B 184 21.11 14.22 5.63
CA SER B 184 21.69 14.98 6.72
C SER B 184 22.94 15.76 6.27
N ASP B 185 23.78 15.12 5.45
CA ASP B 185 24.98 15.79 4.96
C ASP B 185 24.64 17.00 4.09
N ILE B 186 23.66 16.82 3.24
CA ILE B 186 23.22 17.85 2.32
C ILE B 186 22.50 19.01 2.99
N PHE B 187 21.70 18.71 4.01
CA PHE B 187 20.96 19.75 4.72
C PHE B 187 21.74 20.42 5.85
N LYS B 188 22.88 19.86 6.22
CA LYS B 188 23.68 20.43 7.31
C LYS B 188 23.91 21.92 7.10
N LYS B 189 24.12 22.34 5.86
CA LYS B 189 24.35 23.75 5.57
C LYS B 189 23.26 24.66 6.15
N TYR B 190 22.04 24.13 6.31
CA TYR B 190 20.96 24.97 6.83
C TYR B 190 21.04 25.25 8.32
N LYS B 191 22.03 24.64 9.00
CA LYS B 191 22.19 24.86 10.44
C LYS B 191 22.56 26.33 10.72
N ASP B 192 22.94 27.08 9.69
CA ASP B 192 23.28 28.49 9.91
C ASP B 192 22.01 29.33 10.06
N ASN B 193 20.85 28.71 9.84
CA ASN B 193 19.57 29.39 9.97
C ASN B 193 19.54 30.72 9.23
N LYS B 194 20.31 30.84 8.15
CA LYS B 194 20.35 32.09 7.39
C LYS B 194 18.97 32.59 7.03
N THR B 195 18.72 33.85 7.34
CA THR B 195 17.42 34.46 7.11
C THR B 195 17.46 35.76 6.29
N ILE B 196 16.34 36.05 5.64
CA ILE B 196 16.20 37.25 4.80
C ILE B 196 14.85 37.94 4.99
N ASN B 197 14.89 39.27 4.97
CA ASN B 197 13.71 40.10 5.11
C ASN B 197 13.17 40.33 3.69
N MET B 198 11.95 39.86 3.43
CA MET B 198 11.34 39.99 2.11
C MET B 198 11.56 41.38 1.50
N LYS B 199 11.42 42.42 2.31
CA LYS B 199 11.60 43.80 1.83
C LYS B 199 13.01 44.06 1.30
N ASP B 200 14.00 43.35 1.85
CA ASP B 200 15.39 43.50 1.43
C ASP B 200 15.72 42.72 0.16
N PHE B 201 14.86 41.78 -0.20
CA PHE B 201 15.09 40.95 -1.37
C PHE B 201 15.00 41.71 -2.69
N SER B 202 16.05 41.61 -3.49
CA SER B 202 16.10 42.27 -4.79
C SER B 202 15.62 41.31 -5.87
N HIS B 203 16.39 40.26 -6.10
CA HIS B 203 16.06 39.27 -7.11
C HIS B 203 17.02 38.09 -6.98
N PHE B 204 16.89 37.11 -7.87
CA PHE B 204 17.77 35.96 -7.86
C PHE B 204 18.22 35.65 -9.29
N ASP B 205 19.31 34.91 -9.40
CA ASP B 205 19.81 34.49 -10.71
C ASP B 205 20.17 33.02 -10.63
N ILE B 206 19.56 32.22 -11.49
CA ILE B 206 19.82 30.78 -11.53
C ILE B 206 20.74 30.51 -12.72
N TYR B 207 21.87 29.85 -12.48
CA TYR B 207 22.80 29.53 -13.55
C TYR B 207 22.98 28.01 -13.61
N LEU B 208 22.68 27.43 -14.76
CA LEU B 208 22.83 26.00 -14.96
C LEU B 208 23.79 25.76 -16.12
N TRP B 209 24.59 24.70 -16.04
CA TRP B 209 25.54 24.37 -17.09
C TRP B 209 25.43 22.90 -17.45
N THR B 210 25.72 22.59 -18.71
CA THR B 210 25.70 21.22 -19.20
C THR B 210 27.15 20.80 -19.44
N LYS B 211 28.06 21.75 -19.31
CA LYS B 211 29.50 21.50 -19.51
C LYS B 211 30.29 22.11 -18.35
N SER C 4 -25.92 -30.59 -25.48
CA SER C 4 -27.35 -30.70 -25.06
C SER C 4 -27.87 -32.13 -25.22
N GLU C 5 -27.49 -33.00 -24.27
CA GLU C 5 -27.91 -34.41 -24.31
C GLU C 5 -29.42 -34.54 -24.14
N ASN C 6 -30.00 -33.73 -23.27
CA ASN C 6 -31.43 -33.73 -23.01
C ASN C 6 -31.76 -32.61 -22.04
N ILE C 7 -32.60 -32.91 -21.05
CA ILE C 7 -33.00 -31.92 -20.05
C ILE C 7 -32.99 -32.61 -18.69
N LYS C 8 -33.89 -33.56 -18.51
CA LYS C 8 -33.98 -34.30 -17.26
C LYS C 8 -32.84 -35.30 -17.16
N ASP C 9 -32.24 -35.62 -18.29
CA ASP C 9 -31.12 -36.56 -18.33
C ASP C 9 -29.91 -35.91 -17.67
N VAL C 10 -29.67 -34.65 -18.05
CA VAL C 10 -28.55 -33.88 -17.51
C VAL C 10 -28.71 -33.71 -16.00
N LYS C 11 -29.92 -33.31 -15.58
CA LYS C 11 -30.20 -33.12 -14.16
C LYS C 11 -30.01 -34.39 -13.35
N LEU C 12 -30.49 -35.50 -13.90
CA LEU C 12 -30.40 -36.79 -13.24
C LEU C 12 -28.94 -37.17 -13.00
N GLN C 13 -28.08 -36.90 -13.97
CA GLN C 13 -26.66 -37.22 -13.83
C GLN C 13 -26.02 -36.35 -12.74
N LEU C 14 -26.27 -35.04 -12.80
CA LEU C 14 -25.72 -34.11 -11.83
C LEU C 14 -26.26 -34.39 -10.43
N ASN C 15 -27.55 -34.74 -10.38
CA ASN C 15 -28.24 -35.01 -9.13
C ASN C 15 -27.54 -36.13 -8.36
N TYR C 16 -27.24 -37.23 -9.04
CA TYR C 16 -26.59 -38.35 -8.41
C TYR C 16 -25.11 -38.10 -8.18
N ALA C 17 -24.47 -37.37 -9.08
CA ALA C 17 -23.04 -37.07 -8.93
C ALA C 17 -22.77 -36.25 -7.66
N TYR C 18 -23.55 -35.18 -7.45
CA TYR C 18 -23.35 -34.32 -6.29
C TYR C 18 -23.96 -34.81 -4.97
N GLU C 19 -24.68 -35.93 -5.02
CA GLU C 19 -25.24 -36.52 -3.81
C GLU C 19 -24.07 -37.35 -3.27
N ILE C 20 -23.22 -36.70 -2.49
CA ILE C 20 -22.04 -37.36 -1.98
C ILE C 20 -21.43 -36.70 -0.74
N ILE C 21 -20.66 -37.48 0.02
CA ILE C 21 -19.99 -36.99 1.21
C ILE C 21 -18.60 -36.56 0.80
N PRO C 22 -18.20 -35.33 1.17
CA PRO C 22 -16.87 -34.84 0.80
C PRO C 22 -15.75 -35.35 1.69
N VAL C 23 -14.56 -35.47 1.11
CA VAL C 23 -13.37 -35.86 1.87
C VAL C 23 -12.93 -34.52 2.44
N ASP C 24 -13.03 -34.38 3.76
CA ASP C 24 -12.71 -33.12 4.43
C ASP C 24 -11.73 -33.33 5.59
N TYR C 25 -10.48 -32.98 5.37
CA TYR C 25 -9.44 -33.16 6.39
C TYR C 25 -8.44 -32.00 6.37
N THR C 26 -7.96 -31.62 7.54
CA THR C 26 -7.02 -30.51 7.66
C THR C 26 -5.65 -30.94 8.20
N ASN C 27 -4.62 -30.16 7.86
CA ASN C 27 -3.25 -30.41 8.33
C ASN C 27 -2.76 -31.81 8.04
N CYS C 28 -2.75 -32.18 6.77
CA CYS C 28 -2.29 -33.50 6.36
C CYS C 28 -0.98 -33.34 5.61
N ASN C 29 -0.07 -34.27 5.85
CA ASN C 29 1.24 -34.24 5.24
C ASN C 29 1.24 -34.81 3.82
N ILE C 30 1.91 -34.12 2.91
CA ILE C 30 2.02 -34.63 1.56
C ILE C 30 3.16 -35.65 1.65
N ASP C 31 2.85 -36.94 1.62
CA ASP C 31 3.89 -37.94 1.69
C ASP C 31 4.83 -37.80 0.52
N TYR C 32 4.26 -37.72 -0.68
CA TYR C 32 5.06 -37.55 -1.89
C TYR C 32 4.23 -37.01 -3.05
N LEU C 33 4.92 -36.52 -4.07
CA LEU C 33 4.27 -35.96 -5.24
C LEU C 33 4.81 -36.54 -6.54
N THR C 34 3.94 -36.59 -7.54
CA THR C 34 4.33 -37.06 -8.86
C THR C 34 3.97 -35.88 -9.77
N THR C 35 3.92 -36.12 -11.07
CA THR C 35 3.58 -35.05 -11.99
C THR C 35 2.13 -34.61 -11.86
N HIS C 36 1.22 -35.58 -11.83
CA HIS C 36 -0.21 -35.29 -11.76
C HIS C 36 -0.96 -35.71 -10.49
N ASP C 37 -0.24 -36.08 -9.43
CA ASP C 37 -0.91 -36.50 -8.21
C ASP C 37 -0.27 -36.07 -6.90
N PHE C 38 -1.10 -35.88 -5.89
CA PHE C 38 -0.67 -35.53 -4.54
C PHE C 38 -0.98 -36.82 -3.79
N TYR C 39 -0.06 -37.26 -2.94
CA TYR C 39 -0.32 -38.44 -2.13
C TYR C 39 -0.21 -37.94 -0.72
N ILE C 40 -1.37 -37.66 -0.15
CA ILE C 40 -1.51 -37.09 1.18
C ILE C 40 -1.94 -38.11 2.23
N ASP C 41 -1.25 -38.09 3.36
CA ASP C 41 -1.52 -39.01 4.45
C ASP C 41 -2.62 -38.54 5.40
N ILE C 42 -3.64 -39.37 5.57
CA ILE C 42 -4.74 -39.06 6.49
C ILE C 42 -4.88 -40.18 7.51
N SER C 43 -3.80 -40.93 7.70
CA SER C 43 -3.78 -42.05 8.63
C SER C 43 -4.09 -41.66 10.09
N SER C 44 -3.68 -40.45 10.49
CA SER C 44 -3.92 -40.00 11.86
C SER C 44 -5.41 -39.80 12.13
N TYR C 45 -6.19 -39.64 11.07
CA TYR C 45 -7.64 -39.46 11.17
C TYR C 45 -8.33 -40.82 11.05
N LYS C 46 -7.63 -41.79 10.46
CA LYS C 46 -8.22 -43.12 10.26
C LYS C 46 -7.72 -44.18 11.24
N LYS C 47 -6.61 -43.88 11.91
CA LYS C 47 -6.01 -44.81 12.87
C LYS C 47 -5.40 -46.02 12.19
N LYS C 48 -5.17 -45.91 10.89
CA LYS C 48 -4.55 -46.99 10.10
C LYS C 48 -3.98 -46.33 8.84
N ASN C 49 -3.15 -47.06 8.10
CA ASN C 49 -2.58 -46.50 6.89
C ASN C 49 -3.71 -46.10 5.97
N PHE C 50 -3.76 -44.81 5.62
CA PHE C 50 -4.83 -44.31 4.76
C PHE C 50 -4.31 -43.04 4.09
N SER C 51 -4.68 -42.85 2.84
CA SER C 51 -4.22 -41.66 2.13
C SER C 51 -5.25 -41.16 1.11
N VAL C 52 -4.96 -39.99 0.55
CA VAL C 52 -5.82 -39.38 -0.44
C VAL C 52 -5.03 -39.09 -1.72
N ASP C 53 -5.46 -39.67 -2.83
CA ASP C 53 -4.80 -39.45 -4.09
C ASP C 53 -5.52 -38.32 -4.84
N SER C 54 -4.92 -37.14 -4.84
CA SER C 54 -5.49 -35.97 -5.51
C SER C 54 -4.82 -35.72 -6.86
N GLU C 55 -5.60 -35.90 -7.93
CA GLU C 55 -5.10 -35.71 -9.29
C GLU C 55 -5.35 -34.28 -9.72
N VAL C 56 -4.32 -33.62 -10.25
CA VAL C 56 -4.44 -32.24 -10.71
C VAL C 56 -3.65 -32.04 -12.01
N GLU C 57 -3.67 -30.81 -12.51
CA GLU C 57 -2.93 -30.49 -13.73
C GLU C 57 -1.46 -30.37 -13.35
N SER C 58 -0.58 -30.72 -14.29
CA SER C 58 0.87 -30.71 -14.08
C SER C 58 1.47 -29.60 -13.22
N TYR C 59 1.28 -28.35 -13.65
CA TYR C 59 1.84 -27.19 -12.94
C TYR C 59 1.49 -27.05 -11.46
N ILE C 60 0.34 -27.57 -11.04
CA ILE C 60 -0.08 -27.46 -9.64
C ILE C 60 0.90 -28.10 -8.64
N THR C 61 1.37 -29.31 -8.95
CA THR C 61 2.29 -29.99 -8.05
C THR C 61 3.61 -29.24 -7.85
N THR C 62 4.06 -28.53 -8.89
CA THR C 62 5.32 -27.80 -8.79
C THR C 62 5.25 -26.68 -7.77
N LYS C 63 4.05 -26.34 -7.33
CA LYS C 63 3.88 -25.26 -6.36
C LYS C 63 3.90 -25.75 -4.92
N PHE C 64 3.81 -27.06 -4.73
CA PHE C 64 3.85 -27.63 -3.37
C PHE C 64 5.11 -28.45 -3.21
N THR C 65 5.38 -28.88 -1.99
CA THR C 65 6.56 -29.67 -1.72
C THR C 65 6.28 -30.84 -0.78
N LYS C 66 7.06 -31.91 -0.94
CA LYS C 66 6.91 -33.08 -0.09
C LYS C 66 6.98 -32.66 1.37
N ASN C 67 6.16 -33.33 2.18
CA ASN C 67 6.08 -33.09 3.61
C ASN C 67 5.49 -31.75 4.05
N GLN C 68 4.90 -31.04 3.10
CA GLN C 68 4.24 -29.78 3.37
C GLN C 68 2.87 -30.20 3.90
N LYS C 69 2.28 -29.40 4.77
CA LYS C 69 0.96 -29.74 5.30
C LYS C 69 -0.09 -29.00 4.49
N VAL C 70 -1.21 -29.67 4.22
CA VAL C 70 -2.28 -29.08 3.43
C VAL C 70 -3.67 -29.45 3.91
N ASN C 71 -4.67 -28.73 3.40
CA ASN C 71 -6.06 -29.01 3.73
C ASN C 71 -6.71 -29.63 2.50
N ILE C 72 -7.55 -30.63 2.74
CA ILE C 72 -8.23 -31.34 1.67
C ILE C 72 -9.74 -31.19 1.70
N PHE C 73 -10.31 -30.86 0.55
CA PHE C 73 -11.76 -30.79 0.43
C PHE C 73 -12.07 -31.18 -0.99
N GLY C 74 -12.26 -32.49 -1.18
CA GLY C 74 -12.53 -32.99 -2.51
C GLY C 74 -13.67 -34.00 -2.54
N LEU C 75 -14.23 -34.19 -3.71
CA LEU C 75 -15.33 -35.11 -3.94
C LEU C 75 -14.77 -36.36 -4.63
N PRO C 76 -14.79 -37.51 -3.95
CA PRO C 76 -14.26 -38.73 -4.57
C PRO C 76 -14.99 -39.10 -5.87
N TYR C 77 -14.22 -39.30 -6.94
CA TYR C 77 -14.83 -39.65 -8.22
C TYR C 77 -15.01 -41.15 -8.45
N ILE C 78 -14.32 -41.96 -7.64
CA ILE C 78 -14.45 -43.41 -7.70
C ILE C 78 -14.04 -44.01 -6.36
N PHE C 79 -14.52 -45.22 -6.09
CA PHE C 79 -14.18 -45.92 -4.87
C PHE C 79 -13.76 -47.34 -5.23
N THR C 80 -12.47 -47.59 -5.13
CA THR C 80 -11.92 -48.90 -5.44
C THR C 80 -11.24 -49.42 -4.17
N ARG C 81 -10.12 -48.80 -3.82
CA ARG C 81 -9.38 -49.20 -2.62
C ARG C 81 -10.05 -48.69 -1.34
N TYR C 82 -10.01 -49.51 -0.30
CA TYR C 82 -10.61 -49.12 0.98
C TYR C 82 -9.67 -48.30 1.84
N ASP C 83 -8.48 -47.99 1.33
CA ASP C 83 -7.50 -47.23 2.09
C ASP C 83 -6.91 -46.04 1.33
N VAL C 84 -7.54 -45.68 0.23
CA VAL C 84 -7.10 -44.55 -0.57
C VAL C 84 -8.34 -43.87 -1.14
N TYR C 85 -8.44 -42.55 -0.96
CA TYR C 85 -9.57 -41.81 -1.50
C TYR C 85 -9.07 -41.09 -2.74
N TYR C 86 -9.79 -41.22 -3.84
CA TYR C 86 -9.40 -40.55 -5.06
C TYR C 86 -10.26 -39.34 -5.35
N ILE C 87 -9.63 -38.18 -5.43
CA ILE C 87 -10.36 -36.95 -5.73
C ILE C 87 -9.56 -36.16 -6.76
N TYR C 88 -10.18 -35.11 -7.30
CA TYR C 88 -9.53 -34.23 -8.25
C TYR C 88 -9.28 -32.95 -7.46
N GLY C 89 -8.06 -32.42 -7.53
CA GLY C 89 -7.73 -31.20 -6.81
C GLY C 89 -8.17 -31.18 -5.35
N GLY C 90 -8.77 -30.06 -4.94
CA GLY C 90 -9.24 -29.90 -3.57
C GLY C 90 -8.15 -29.67 -2.54
N VAL C 91 -6.96 -29.31 -2.99
CA VAL C 91 -5.83 -29.10 -2.08
C VAL C 91 -5.41 -27.63 -1.91
N THR C 92 -5.29 -27.20 -0.66
CA THR C 92 -4.89 -25.84 -0.34
C THR C 92 -3.85 -25.87 0.77
N PRO C 93 -2.96 -24.86 0.81
CA PRO C 93 -1.92 -24.81 1.84
C PRO C 93 -2.54 -24.76 3.23
N SER C 94 -1.93 -25.44 4.19
CA SER C 94 -2.42 -25.46 5.55
C SER C 94 -1.55 -24.56 6.41
N VAL C 95 -2.16 -23.55 7.02
CA VAL C 95 -1.41 -22.64 7.88
C VAL C 95 -2.10 -22.42 9.21
N ASN C 96 -2.56 -21.19 9.45
CA ASN C 96 -3.24 -20.84 10.69
C ASN C 96 -4.74 -21.13 10.57
N SER C 97 -5.30 -21.78 11.57
CA SER C 97 -6.72 -22.11 11.56
C SER C 97 -7.43 -21.72 12.83
N ASN C 98 -8.73 -22.01 12.87
CA ASN C 98 -9.59 -21.72 14.01
C ASN C 98 -11.02 -22.07 13.63
N SER C 99 -11.98 -21.56 14.39
CA SER C 99 -13.39 -21.84 14.10
C SER C 99 -14.03 -20.70 13.31
N GLU C 100 -13.56 -19.49 13.56
CA GLU C 100 -14.07 -18.29 12.89
C GLU C 100 -14.53 -18.57 11.47
N ASN C 101 -15.84 -18.45 11.23
CA ASN C 101 -16.38 -18.69 9.90
C ASN C 101 -16.20 -17.40 9.10
N SER C 102 -16.42 -17.49 7.80
CA SER C 102 -16.29 -16.33 6.93
C SER C 102 -17.63 -15.68 6.65
N LYS C 103 -17.57 -14.48 6.06
CA LYS C 103 -18.76 -13.74 5.71
C LYS C 103 -19.04 -14.03 4.23
N ILE C 104 -20.07 -14.82 3.97
CA ILE C 104 -20.39 -15.17 2.59
C ILE C 104 -21.82 -14.80 2.23
N VAL C 105 -21.96 -13.72 1.47
CA VAL C 105 -23.27 -13.26 1.03
C VAL C 105 -23.34 -13.30 -0.49
N GLY C 106 -24.54 -13.60 -1.01
CA GLY C 106 -24.70 -13.66 -2.45
C GLY C 106 -26.09 -13.22 -2.89
N ASN C 107 -26.25 -13.06 -4.19
CA ASN C 107 -27.52 -12.65 -4.75
C ASN C 107 -28.07 -13.80 -5.58
N LEU C 108 -29.37 -14.05 -5.44
CA LEU C 108 -30.03 -15.11 -6.21
C LEU C 108 -30.96 -14.49 -7.23
N LEU C 109 -30.82 -14.93 -8.48
CA LEU C 109 -31.66 -14.42 -9.55
C LEU C 109 -32.25 -15.55 -10.37
N ILE C 110 -33.54 -15.46 -10.65
CA ILE C 110 -34.23 -16.45 -11.44
C ILE C 110 -34.79 -15.71 -12.64
N ASP C 111 -34.43 -16.18 -13.83
CA ASP C 111 -34.89 -15.53 -15.05
C ASP C 111 -34.44 -14.07 -15.03
N GLY C 112 -33.28 -13.83 -14.42
CA GLY C 112 -32.75 -12.48 -14.33
C GLY C 112 -33.35 -11.66 -13.23
N VAL C 113 -34.33 -12.21 -12.54
CA VAL C 113 -35.01 -11.50 -11.46
C VAL C 113 -34.38 -11.74 -10.09
N GLN C 114 -33.93 -10.66 -9.44
CA GLN C 114 -33.33 -10.77 -8.12
C GLN C 114 -34.42 -11.33 -7.20
N GLN C 115 -34.11 -12.42 -6.51
CA GLN C 115 -35.08 -13.04 -5.62
C GLN C 115 -34.86 -12.67 -4.16
N LYS C 116 -33.59 -12.62 -3.75
CA LYS C 116 -33.24 -12.27 -2.38
C LYS C 116 -31.74 -12.34 -2.17
N THR C 117 -31.28 -11.71 -1.10
CA THR C 117 -29.87 -11.71 -0.77
C THR C 117 -29.59 -12.88 0.15
N LEU C 118 -28.69 -13.75 -0.28
CA LEU C 118 -28.32 -14.93 0.49
C LEU C 118 -27.28 -14.53 1.53
N ILE C 119 -27.59 -14.78 2.80
CA ILE C 119 -26.67 -14.45 3.88
C ILE C 119 -26.14 -15.73 4.49
N ASN C 120 -24.88 -16.05 4.17
CA ASN C 120 -24.25 -17.25 4.68
C ASN C 120 -25.02 -18.54 4.40
N PRO C 121 -25.38 -18.76 3.12
CA PRO C 121 -26.12 -19.98 2.78
C PRO C 121 -25.23 -21.20 2.98
N ILE C 122 -23.91 -20.98 2.96
CA ILE C 122 -22.94 -22.05 3.16
C ILE C 122 -21.91 -21.57 4.16
N LYS C 123 -21.04 -22.49 4.59
CA LYS C 123 -20.01 -22.17 5.56
C LYS C 123 -18.62 -22.55 5.06
N ILE C 124 -17.67 -21.62 5.20
CA ILE C 124 -16.29 -21.85 4.79
C ILE C 124 -15.37 -21.13 5.76
N ASP C 125 -14.83 -21.87 6.72
CA ASP C 125 -13.94 -21.27 7.71
C ASP C 125 -12.47 -21.37 7.33
N LYS C 126 -12.18 -21.22 6.03
CA LYS C 126 -10.81 -21.26 5.53
C LYS C 126 -10.49 -19.90 4.92
N PRO C 127 -9.27 -19.38 5.17
CA PRO C 127 -8.87 -18.09 4.60
C PRO C 127 -8.64 -18.24 3.10
N ILE C 128 -8.36 -19.48 2.70
CA ILE C 128 -8.13 -19.82 1.30
C ILE C 128 -8.85 -21.14 1.03
N PHE C 129 -9.62 -21.19 -0.04
CA PHE C 129 -10.36 -22.41 -0.36
C PHE C 129 -10.43 -22.68 -1.85
N THR C 130 -10.75 -23.92 -2.20
CA THR C 130 -10.87 -24.31 -3.60
C THR C 130 -12.27 -24.01 -4.10
N ILE C 131 -12.38 -23.68 -5.38
CA ILE C 131 -13.69 -23.42 -5.97
C ILE C 131 -14.53 -24.67 -5.76
N GLN C 132 -13.86 -25.82 -5.83
CA GLN C 132 -14.52 -27.10 -5.64
C GLN C 132 -15.33 -27.11 -4.35
N GLU C 133 -14.71 -26.68 -3.25
CA GLU C 133 -15.40 -26.65 -1.97
C GLU C 133 -16.62 -25.73 -2.02
N PHE C 134 -16.42 -24.52 -2.53
CA PHE C 134 -17.48 -23.53 -2.62
C PHE C 134 -18.60 -24.02 -3.54
N ASP C 135 -18.21 -24.58 -4.67
CA ASP C 135 -19.14 -25.10 -5.67
C ASP C 135 -19.98 -26.25 -5.10
N PHE C 136 -19.32 -27.18 -4.38
CA PHE C 136 -20.05 -28.29 -3.79
C PHE C 136 -21.11 -27.78 -2.81
N LYS C 137 -20.69 -26.95 -1.87
CA LYS C 137 -21.60 -26.40 -0.86
C LYS C 137 -22.77 -25.59 -1.44
N ILE C 138 -22.51 -24.81 -2.48
CA ILE C 138 -23.57 -24.02 -3.11
C ILE C 138 -24.55 -24.95 -3.84
N ARG C 139 -24.03 -25.96 -4.54
CA ARG C 139 -24.89 -26.89 -5.24
C ARG C 139 -25.72 -27.68 -4.24
N GLN C 140 -25.10 -28.04 -3.11
CA GLN C 140 -25.81 -28.78 -2.08
C GLN C 140 -26.96 -27.89 -1.58
N TYR C 141 -26.66 -26.62 -1.33
CA TYR C 141 -27.67 -25.67 -0.87
C TYR C 141 -28.81 -25.53 -1.88
N LEU C 142 -28.48 -25.42 -3.16
CA LEU C 142 -29.49 -25.26 -4.21
C LEU C 142 -30.32 -26.52 -4.50
N MET C 143 -29.73 -27.69 -4.25
CA MET C 143 -30.44 -28.95 -4.46
C MET C 143 -31.46 -29.10 -3.34
N GLN C 144 -31.06 -28.71 -2.13
CA GLN C 144 -31.90 -28.80 -0.95
C GLN C 144 -33.03 -27.77 -0.90
N THR C 145 -32.74 -26.52 -1.27
CA THR C 145 -33.72 -25.45 -1.23
C THR C 145 -34.53 -25.25 -2.50
N TYR C 146 -33.87 -25.35 -3.65
CA TYR C 146 -34.54 -25.13 -4.93
C TYR C 146 -34.65 -26.38 -5.82
N LYS C 147 -34.12 -27.50 -5.35
CA LYS C 147 -34.20 -28.76 -6.10
C LYS C 147 -33.79 -28.54 -7.55
N ILE C 148 -32.68 -27.83 -7.76
CA ILE C 148 -32.22 -27.53 -9.12
C ILE C 148 -31.97 -28.75 -10.00
N TYR C 149 -31.71 -29.90 -9.39
CA TYR C 149 -31.46 -31.10 -10.19
C TYR C 149 -32.64 -32.09 -10.21
N ASP C 150 -33.77 -31.67 -9.64
CA ASP C 150 -34.98 -32.49 -9.64
C ASP C 150 -35.60 -32.30 -11.01
N PRO C 151 -35.92 -33.41 -11.72
CA PRO C 151 -36.51 -33.27 -13.05
C PRO C 151 -37.79 -32.43 -13.00
N ASN C 152 -38.43 -32.40 -11.83
CA ASN C 152 -39.66 -31.64 -11.66
C ASN C 152 -39.43 -30.15 -11.49
N SER C 153 -38.19 -29.74 -11.25
CA SER C 153 -37.92 -28.32 -11.09
C SER C 153 -37.97 -27.69 -12.48
N PRO C 154 -38.32 -26.40 -12.56
CA PRO C 154 -38.41 -25.70 -13.85
C PRO C 154 -37.08 -25.19 -14.41
N TYR C 155 -36.05 -25.19 -13.58
CA TYR C 155 -34.73 -24.71 -13.98
C TYR C 155 -34.05 -25.62 -14.99
N ILE C 156 -33.50 -25.05 -16.04
CA ILE C 156 -32.81 -25.83 -17.07
C ILE C 156 -31.44 -25.24 -17.33
N LYS C 157 -31.24 -24.02 -16.84
CA LYS C 157 -29.96 -23.32 -16.98
C LYS C 157 -29.60 -22.67 -15.66
N GLY C 158 -28.31 -22.59 -15.38
CA GLY C 158 -27.87 -21.98 -14.15
C GLY C 158 -26.38 -21.74 -14.14
N GLN C 159 -25.97 -20.63 -13.53
CA GLN C 159 -24.57 -20.29 -13.44
C GLN C 159 -24.23 -19.73 -12.07
N LEU C 160 -23.06 -20.10 -11.56
CA LEU C 160 -22.57 -19.60 -10.29
C LEU C 160 -21.42 -18.66 -10.66
N GLU C 161 -21.42 -17.47 -10.07
CA GLU C 161 -20.37 -16.51 -10.33
C GLU C 161 -19.73 -16.07 -9.02
N ILE C 162 -18.39 -16.04 -9.01
CA ILE C 162 -17.64 -15.61 -7.83
C ILE C 162 -17.05 -14.24 -8.14
N ALA C 163 -17.36 -13.26 -7.32
CA ALA C 163 -16.85 -11.90 -7.51
C ALA C 163 -15.62 -11.65 -6.65
N ILE C 164 -14.55 -11.17 -7.29
CA ILE C 164 -13.29 -10.89 -6.61
C ILE C 164 -13.07 -9.38 -6.51
N ASN C 165 -11.95 -8.98 -5.91
CA ASN C 165 -11.60 -7.57 -5.73
C ASN C 165 -12.25 -6.68 -6.77
N GLY C 166 -13.38 -6.08 -6.40
CA GLY C 166 -14.10 -5.21 -7.30
C GLY C 166 -15.21 -5.91 -8.05
N ASN C 167 -15.40 -5.55 -9.33
CA ASN C 167 -16.43 -6.14 -10.15
C ASN C 167 -15.93 -7.32 -10.98
N LYS C 168 -14.89 -7.98 -10.50
CA LYS C 168 -14.34 -9.14 -11.19
C LYS C 168 -15.15 -10.39 -10.92
N HIS C 169 -15.81 -10.91 -11.95
CA HIS C 169 -16.63 -12.11 -11.81
C HIS C 169 -16.16 -13.23 -12.72
N GLU C 170 -16.12 -14.44 -12.19
CA GLU C 170 -15.73 -15.62 -12.96
C GLU C 170 -16.95 -16.54 -12.95
N SER C 171 -17.24 -17.15 -14.09
CA SER C 171 -18.42 -18.01 -14.19
C SER C 171 -18.14 -19.51 -14.14
N PHE C 172 -19.13 -20.25 -13.63
CA PHE C 172 -19.06 -21.71 -13.51
C PHE C 172 -20.45 -22.27 -13.79
N ASN C 173 -20.56 -23.12 -14.80
CA ASN C 173 -21.82 -23.71 -15.20
C ASN C 173 -22.36 -24.71 -14.16
N LEU C 174 -23.65 -24.58 -13.83
CA LEU C 174 -24.29 -25.46 -12.84
C LEU C 174 -24.90 -26.70 -13.46
N TYR C 175 -25.03 -26.73 -14.77
CA TYR C 175 -25.61 -27.88 -15.45
C TYR C 175 -24.59 -28.46 -16.43
N ASP C 176 -23.37 -28.61 -15.93
CA ASP C 176 -22.25 -29.14 -16.72
C ASP C 176 -22.18 -30.66 -16.73
N ALA C 177 -23.04 -31.28 -17.54
CA ALA C 177 -23.04 -32.74 -17.65
C ALA C 177 -23.89 -33.20 -18.83
N THR C 178 -23.59 -34.40 -19.32
CA THR C 178 -24.34 -34.96 -20.43
C THR C 178 -25.13 -36.14 -19.90
N SER C 179 -25.99 -36.70 -20.75
CA SER C 179 -26.82 -37.83 -20.35
C SER C 179 -26.03 -39.08 -19.96
N SER C 180 -24.71 -39.04 -20.11
CA SER C 180 -23.88 -40.19 -19.76
C SER C 180 -22.65 -39.81 -18.92
N SER C 181 -22.65 -38.60 -18.38
CA SER C 181 -21.52 -38.15 -17.57
C SER C 181 -21.46 -38.88 -16.23
N THR C 182 -20.26 -39.29 -15.85
CA THR C 182 -20.04 -39.98 -14.58
C THR C 182 -19.36 -38.97 -13.64
N ARG C 183 -19.25 -39.32 -12.37
CA ARG C 183 -18.61 -38.42 -11.40
C ARG C 183 -17.21 -38.05 -11.85
N SER C 184 -16.53 -39.00 -12.47
CA SER C 184 -15.17 -38.76 -12.94
C SER C 184 -15.22 -37.69 -14.04
N ASP C 185 -16.24 -37.76 -14.90
CA ASP C 185 -16.40 -36.78 -15.97
C ASP C 185 -16.79 -35.41 -15.42
N ILE C 186 -17.71 -35.42 -14.46
CA ILE C 186 -18.21 -34.19 -13.87
C ILE C 186 -17.23 -33.50 -12.92
N PHE C 187 -16.51 -34.28 -12.13
CA PHE C 187 -15.56 -33.70 -11.18
C PHE C 187 -14.20 -33.38 -11.78
N LYS C 188 -13.98 -33.84 -13.01
CA LYS C 188 -12.70 -33.61 -13.69
C LYS C 188 -12.29 -32.15 -13.76
N LYS C 189 -13.28 -31.25 -13.86
CA LYS C 189 -13.01 -29.82 -13.92
C LYS C 189 -12.20 -29.34 -12.70
N TYR C 190 -12.40 -29.99 -11.55
CA TYR C 190 -11.70 -29.60 -10.34
C TYR C 190 -10.19 -29.90 -10.35
N LYS C 191 -9.70 -30.55 -11.41
CA LYS C 191 -8.28 -30.86 -11.53
C LYS C 191 -7.40 -29.60 -11.58
N ASP C 192 -7.98 -28.47 -11.96
CA ASP C 192 -7.21 -27.24 -12.03
C ASP C 192 -6.89 -26.71 -10.64
N ASN C 193 -7.49 -27.32 -9.64
CA ASN C 193 -7.26 -26.92 -8.25
C ASN C 193 -7.46 -25.42 -8.07
N LYS C 194 -8.37 -24.83 -8.85
CA LYS C 194 -8.65 -23.40 -8.75
C LYS C 194 -8.93 -23.04 -7.30
N THR C 195 -8.23 -22.03 -6.80
CA THR C 195 -8.38 -21.62 -5.42
C THR C 195 -8.63 -20.13 -5.27
N ILE C 196 -9.30 -19.75 -4.20
CA ILE C 196 -9.59 -18.35 -3.93
C ILE C 196 -9.19 -17.99 -2.51
N ASN C 197 -8.59 -16.80 -2.37
CA ASN C 197 -8.16 -16.29 -1.07
C ASN C 197 -9.32 -15.41 -0.60
N MET C 198 -9.78 -15.59 0.62
CA MET C 198 -10.89 -14.79 1.13
C MET C 198 -10.64 -13.29 1.01
N LYS C 199 -9.37 -12.89 1.10
CA LYS C 199 -9.01 -11.47 1.03
C LYS C 199 -9.40 -10.83 -0.30
N ASP C 200 -9.67 -11.65 -1.31
CA ASP C 200 -10.04 -11.15 -2.62
C ASP C 200 -11.52 -11.41 -2.92
N PHE C 201 -12.18 -12.14 -2.03
CA PHE C 201 -13.59 -12.50 -2.20
C PHE C 201 -14.59 -11.41 -1.80
N SER C 202 -15.46 -11.04 -2.73
CA SER C 202 -16.47 -10.02 -2.48
C SER C 202 -17.81 -10.67 -2.15
N HIS C 203 -18.38 -11.35 -3.14
CA HIS C 203 -19.66 -12.03 -2.96
C HIS C 203 -19.82 -13.05 -4.09
N PHE C 204 -21.00 -13.65 -4.18
CA PHE C 204 -21.26 -14.64 -5.22
C PHE C 204 -22.64 -14.39 -5.83
N ASP C 205 -22.81 -14.80 -7.08
CA ASP C 205 -24.08 -14.64 -7.76
C ASP C 205 -24.56 -15.97 -8.31
N ILE C 206 -25.84 -16.26 -8.12
CA ILE C 206 -26.43 -17.49 -8.63
C ILE C 206 -27.52 -17.11 -9.62
N TYR C 207 -27.37 -17.57 -10.86
CA TYR C 207 -28.34 -17.28 -11.92
C TYR C 207 -29.05 -18.54 -12.41
N LEU C 208 -30.32 -18.69 -12.05
CA LEU C 208 -31.09 -19.83 -12.50
C LEU C 208 -32.06 -19.35 -13.59
N TRP C 209 -32.33 -20.20 -14.56
CA TRP C 209 -33.26 -19.86 -15.62
C TRP C 209 -34.24 -21.00 -15.85
N THR C 210 -35.50 -20.64 -16.11
CA THR C 210 -36.56 -21.61 -16.34
C THR C 210 -36.90 -21.67 -17.82
N LYS C 211 -36.38 -20.71 -18.58
CA LYS C 211 -36.63 -20.64 -20.01
C LYS C 211 -35.32 -20.66 -20.79
ZN ZN D . -1.82 -13.97 11.47
ZN ZN E . 21.80 39.47 -10.09
ZN ZN F . -21.52 -10.08 -8.52
#